data_9FS4
#
_entry.id   9FS4
#
_cell.length_a   82.343
_cell.length_b   112.226
_cell.length_c   62.420
_cell.angle_alpha   90.00
_cell.angle_beta   90.00
_cell.angle_gamma   90.00
#
_symmetry.space_group_name_H-M   'C 2 2 21'
#
loop_
_entity.id
_entity.type
_entity.pdbx_description
1 polymer '14-3-3 protein sigma'
2 polymer 'Microtubule-associated protein tau'
3 non-polymer 2-bromanyl-4-(2-phenylimidazol-1-yl)benzaldehyde
4 water water
#
loop_
_entity_poly.entity_id
_entity_poly.type
_entity_poly.pdbx_seq_one_letter_code
_entity_poly.pdbx_strand_id
1 'polypeptide(L)'
;GAMGSMERASLIQKAKLAEQAERYEDMAAFMKGAVEKGEELS(CSO)EERNLLSVAYKNVVGGQRAAWRVLSSIEQKSNE
EGSEEKGPEVREYREKVETELQGVCDTVLGLLDSHLIKEAGDAESRVFYLKMKGDYYRYLAEVATGDDKKRIIDSARSAY
QEAMDISKKEMPPTNPIRLGLALNFSVFHYEIANSPEEAISLAKTTFDEAMADLHTLSEDSYKDSTLIMQLLQDNLTLWT
;
A
2 'polypeptide(L)' SRTP(SEP)LPTPPTRE P
#
# COMPACT_ATOMS: atom_id res chain seq x y z
N GLY A 1 9.17 -20.07 -5.92
CA GLY A 1 9.32 -21.44 -6.35
C GLY A 1 9.44 -21.56 -7.87
N ALA A 2 8.39 -21.16 -8.58
CA ALA A 2 8.34 -21.25 -10.03
C ALA A 2 9.40 -20.38 -10.72
N MET A 3 9.85 -19.33 -10.02
CA MET A 3 10.83 -18.40 -10.57
C MET A 3 12.25 -18.71 -10.11
N GLY A 4 12.41 -19.82 -9.36
CA GLY A 4 13.70 -20.20 -8.80
C GLY A 4 14.82 -20.42 -9.82
N SER A 5 14.44 -20.81 -11.04
CA SER A 5 15.41 -21.08 -12.09
C SER A 5 15.81 -19.86 -12.92
N MET A 6 15.11 -18.74 -12.75
CA MET A 6 15.42 -17.55 -13.53
C MET A 6 16.35 -16.62 -12.75
N GLU A 7 17.34 -16.06 -13.46
CA GLU A 7 18.22 -15.03 -12.91
C GLU A 7 17.46 -13.86 -12.31
N ARG A 8 17.98 -13.35 -11.19
CA ARG A 8 17.42 -12.17 -10.54
C ARG A 8 17.27 -11.01 -11.53
N ALA A 9 18.34 -10.73 -12.30
CA ALA A 9 18.31 -9.62 -13.24
C ALA A 9 17.25 -9.81 -14.32
N SER A 10 17.05 -11.06 -14.75
CA SER A 10 16.02 -11.37 -15.74
C SER A 10 14.62 -11.17 -15.19
N LEU A 11 14.41 -11.53 -13.92
CA LEU A 11 13.14 -11.32 -13.24
C LEU A 11 12.81 -9.83 -13.18
N ILE A 12 13.81 -9.00 -12.86
CA ILE A 12 13.62 -7.57 -12.80
C ILE A 12 13.29 -7.02 -14.20
N GLN A 13 14.08 -7.47 -15.19
CA GLN A 13 13.85 -7.07 -16.57
C GLN A 13 12.43 -7.41 -17.02
N LYS A 14 11.98 -8.63 -16.70
CA LYS A 14 10.66 -9.07 -17.11
C LYS A 14 9.55 -8.35 -16.33
N ALA A 15 9.82 -8.00 -15.07
CA ALA A 15 8.87 -7.18 -14.31
C ALA A 15 8.63 -5.85 -15.04
N LYS A 16 9.70 -5.23 -15.54
CA LYS A 16 9.57 -3.96 -16.25
C LYS A 16 8.79 -4.13 -17.54
N LEU A 17 9.07 -5.21 -18.28
CA LEU A 17 8.32 -5.54 -19.49
C LEU A 17 6.84 -5.78 -19.18
N ALA A 18 6.58 -6.53 -18.11
CA ALA A 18 5.21 -6.84 -17.71
C ALA A 18 4.44 -5.56 -17.37
N GLU A 19 5.12 -4.60 -16.72
CA GLU A 19 4.52 -3.30 -16.44
C GLU A 19 4.12 -2.60 -17.73
N GLN A 20 5.04 -2.58 -18.72
CA GLN A 20 4.76 -1.93 -19.99
C GLN A 20 3.58 -2.57 -20.72
N ALA A 21 3.45 -3.90 -20.56
CA ALA A 21 2.38 -4.66 -21.19
C ALA A 21 1.10 -4.70 -20.34
N GLU A 22 1.11 -4.01 -19.20
CA GLU A 22 0.02 -4.00 -18.25
C GLU A 22 -0.40 -5.40 -17.81
N ARG A 23 0.61 -6.26 -17.63
CA ARG A 23 0.44 -7.62 -17.15
C ARG A 23 0.86 -7.69 -15.68
N TYR A 24 -0.01 -7.19 -14.81
CA TYR A 24 0.40 -6.94 -13.43
C TYR A 24 0.51 -8.22 -12.58
N GLU A 25 -0.30 -9.24 -12.90
CA GLU A 25 -0.15 -10.54 -12.26
C GLU A 25 1.23 -11.11 -12.54
N ASP A 26 1.64 -11.10 -13.82
CA ASP A 26 2.98 -11.52 -14.21
C ASP A 26 4.03 -10.68 -13.48
N MET A 27 3.82 -9.37 -13.48
CA MET A 27 4.77 -8.45 -12.85
C MET A 27 4.97 -8.83 -11.38
N ALA A 28 3.87 -9.10 -10.68
CA ALA A 28 3.92 -9.46 -9.27
C ALA A 28 4.68 -10.78 -9.07
N ALA A 29 4.40 -11.76 -9.92
CA ALA A 29 5.08 -13.05 -9.83
C ALA A 29 6.58 -12.91 -10.06
N PHE A 30 6.98 -12.09 -11.03
CA PHE A 30 8.39 -11.84 -11.30
C PHE A 30 9.06 -11.18 -10.09
N MET A 31 8.39 -10.18 -9.49
CA MET A 31 8.97 -9.47 -8.36
C MET A 31 9.01 -10.34 -7.10
N LYS A 32 8.00 -11.20 -6.92
CA LYS A 32 8.03 -12.20 -5.85
C LYS A 32 9.28 -13.06 -6.03
N GLY A 33 9.48 -13.57 -7.25
CA GLY A 33 10.67 -14.33 -7.57
C GLY A 33 11.96 -13.57 -7.23
N ALA A 34 11.99 -12.28 -7.57
CA ALA A 34 13.18 -11.47 -7.31
C ALA A 34 13.41 -11.34 -5.81
N VAL A 35 12.36 -11.07 -5.05
CA VAL A 35 12.48 -10.98 -3.60
C VAL A 35 13.02 -12.29 -3.02
N GLU A 36 12.50 -13.41 -3.52
CA GLU A 36 12.86 -14.72 -2.99
C GLU A 36 14.31 -15.11 -3.30
N LYS A 37 14.99 -14.35 -4.15
CA LYS A 37 16.43 -14.53 -4.34
C LYS A 37 17.22 -14.20 -3.07
N GLY A 38 16.62 -13.42 -2.16
CA GLY A 38 17.19 -13.22 -0.84
C GLY A 38 18.03 -11.95 -0.67
N GLU A 39 18.28 -11.24 -1.78
CA GLU A 39 19.02 -10.00 -1.74
C GLU A 39 18.07 -8.83 -1.46
N GLU A 40 18.61 -7.77 -0.84
CA GLU A 40 17.85 -6.56 -0.60
C GLU A 40 17.43 -5.95 -1.95
N LEU A 41 16.36 -5.17 -1.93
CA LEU A 41 15.86 -4.50 -3.12
C LEU A 41 16.38 -3.07 -3.16
N SER A 42 16.76 -2.61 -4.36
CA SER A 42 17.08 -1.22 -4.58
C SER A 42 15.82 -0.38 -4.46
N GLU A 44 14.45 1.40 -7.03
CA GLU A 44 13.67 1.12 -8.23
C GLU A 44 12.94 -0.21 -8.09
N GLU A 45 13.64 -1.21 -7.55
CA GLU A 45 13.07 -2.54 -7.37
C GLU A 45 11.92 -2.55 -6.36
N ARG A 46 12.06 -1.76 -5.28
CA ARG A 46 10.99 -1.61 -4.30
C ARG A 46 9.75 -1.05 -4.97
N ASN A 47 9.95 -0.05 -5.83
CA ASN A 47 8.83 0.55 -6.56
C ASN A 47 8.15 -0.44 -7.48
N LEU A 48 8.94 -1.31 -8.15
CA LEU A 48 8.37 -2.32 -9.03
C LEU A 48 7.50 -3.31 -8.24
N LEU A 49 8.00 -3.71 -7.07
CA LEU A 49 7.26 -4.62 -6.20
C LEU A 49 5.93 -3.99 -5.81
N SER A 50 5.99 -2.72 -5.41
CA SER A 50 4.81 -1.99 -4.96
C SER A 50 3.78 -1.83 -6.08
N VAL A 51 4.24 -1.35 -7.24
CA VAL A 51 3.37 -1.16 -8.40
C VAL A 51 2.66 -2.46 -8.75
N ALA A 52 3.42 -3.57 -8.79
CA ALA A 52 2.87 -4.84 -9.21
C ALA A 52 1.71 -5.26 -8.31
N TYR A 53 1.97 -5.34 -7.01
CA TYR A 53 0.96 -5.82 -6.08
C TYR A 53 -0.19 -4.83 -5.88
N LYS A 54 0.09 -3.53 -5.99
CA LYS A 54 -0.95 -2.52 -5.89
C LYS A 54 -2.00 -2.71 -6.99
N ASN A 55 -1.52 -2.94 -8.22
CA ASN A 55 -2.40 -3.19 -9.34
C ASN A 55 -3.20 -4.47 -9.17
N VAL A 56 -2.55 -5.55 -8.73
CA VAL A 56 -3.23 -6.82 -8.56
C VAL A 56 -4.33 -6.69 -7.51
N VAL A 57 -3.95 -6.23 -6.31
CA VAL A 57 -4.91 -6.15 -5.22
C VAL A 57 -5.96 -5.07 -5.54
N GLY A 58 -5.55 -4.02 -6.26
CA GLY A 58 -6.47 -2.97 -6.66
C GLY A 58 -7.65 -3.51 -7.45
N GLY A 59 -7.37 -4.37 -8.43
CA GLY A 59 -8.39 -5.01 -9.22
C GLY A 59 -9.30 -5.90 -8.38
N GLN A 60 -8.69 -6.65 -7.46
CA GLN A 60 -9.43 -7.54 -6.58
C GLN A 60 -10.37 -6.76 -5.67
N ARG A 61 -9.87 -5.65 -5.12
CA ARG A 61 -10.66 -4.82 -4.22
C ARG A 61 -11.85 -4.21 -4.95
N ALA A 62 -11.62 -3.74 -6.18
CA ALA A 62 -12.67 -3.16 -6.99
C ALA A 62 -13.76 -4.19 -7.27
N ALA A 63 -13.34 -5.42 -7.61
CA ALA A 63 -14.26 -6.50 -7.85
C ALA A 63 -15.05 -6.84 -6.59
N TRP A 64 -14.34 -6.96 -5.47
CA TRP A 64 -14.96 -7.25 -4.19
C TRP A 64 -16.04 -6.23 -3.83
N ARG A 65 -15.76 -4.94 -4.10
CA ARG A 65 -16.72 -3.89 -3.78
C ARG A 65 -17.97 -3.98 -4.64
N VAL A 66 -17.78 -4.27 -5.94
CA VAL A 66 -18.90 -4.47 -6.84
C VAL A 66 -19.79 -5.59 -6.32
N LEU A 67 -19.18 -6.74 -6.02
CA LEU A 67 -19.91 -7.91 -5.58
C LEU A 67 -20.55 -7.70 -4.22
N SER A 68 -19.81 -7.08 -3.29
CA SER A 68 -20.33 -6.78 -1.97
C SER A 68 -21.58 -5.90 -2.05
N SER A 69 -21.54 -4.91 -2.95
CA SER A 69 -22.66 -4.01 -3.17
C SER A 69 -23.89 -4.76 -3.69
N ILE A 70 -23.68 -5.66 -4.64
CA ILE A 70 -24.74 -6.49 -5.18
C ILE A 70 -25.32 -7.37 -4.07
N GLU A 71 -24.43 -7.94 -3.25
CA GLU A 71 -24.81 -8.83 -2.16
C GLU A 71 -25.70 -8.12 -1.14
N GLN A 72 -25.34 -6.87 -0.79
CA GLN A 72 -26.08 -6.11 0.20
C GLN A 72 -27.47 -5.74 -0.31
N LYS A 73 -27.55 -5.36 -1.59
CA LYS A 73 -28.83 -5.03 -2.22
C LYS A 73 -29.74 -6.24 -2.31
N SER A 74 -29.15 -7.43 -2.48
CA SER A 74 -29.92 -8.67 -2.57
C SER A 74 -30.59 -9.02 -1.25
N ASN A 75 -29.98 -8.60 -0.13
CA ASN A 75 -30.54 -8.81 1.20
C ASN A 75 -31.68 -7.85 1.49
N LYS A 82 -33.59 -15.32 -4.45
CA LYS A 82 -32.16 -15.17 -4.67
C LYS A 82 -31.40 -16.32 -4.01
N GLY A 83 -30.44 -16.89 -4.75
CA GLY A 83 -29.66 -18.03 -4.30
C GLY A 83 -28.29 -17.66 -3.71
N PRO A 84 -27.40 -18.65 -3.50
CA PRO A 84 -26.12 -18.40 -2.83
C PRO A 84 -24.98 -17.85 -3.71
N GLU A 85 -25.24 -17.62 -5.00
CA GLU A 85 -24.19 -17.36 -5.97
C GLU A 85 -23.41 -16.07 -5.72
N VAL A 86 -24.10 -14.98 -5.39
CA VAL A 86 -23.45 -13.70 -5.16
C VAL A 86 -22.51 -13.82 -3.96
N ARG A 87 -23.03 -14.37 -2.85
CA ARG A 87 -22.23 -14.60 -1.66
C ARG A 87 -21.03 -15.48 -1.99
N GLU A 88 -21.29 -16.61 -2.67
CA GLU A 88 -20.25 -17.55 -3.04
C GLU A 88 -19.14 -16.86 -3.83
N TYR A 89 -19.52 -16.06 -4.82
CA TYR A 89 -18.56 -15.46 -5.72
C TYR A 89 -17.80 -14.34 -5.01
N ARG A 90 -18.50 -13.56 -4.18
CA ARG A 90 -17.86 -12.56 -3.35
C ARG A 90 -16.83 -13.22 -2.45
N GLU A 91 -17.20 -14.34 -1.82
CA GLU A 91 -16.29 -15.10 -0.98
C GLU A 91 -15.05 -15.57 -1.76
N LYS A 92 -15.26 -15.99 -3.02
CA LYS A 92 -14.17 -16.46 -3.85
C LYS A 92 -13.16 -15.33 -4.07
N VAL A 93 -13.67 -14.17 -4.51
CA VAL A 93 -12.81 -13.02 -4.74
C VAL A 93 -12.12 -12.60 -3.45
N GLU A 94 -12.86 -12.62 -2.34
CA GLU A 94 -12.32 -12.28 -1.03
C GLU A 94 -11.15 -13.17 -0.63
N THR A 95 -11.31 -14.48 -0.82
CA THR A 95 -10.27 -15.44 -0.49
C THR A 95 -9.02 -15.19 -1.34
N GLU A 96 -9.22 -14.88 -2.63
CA GLU A 96 -8.12 -14.62 -3.53
C GLU A 96 -7.37 -13.37 -3.12
N LEU A 97 -8.13 -12.33 -2.73
CA LEU A 97 -7.57 -11.08 -2.26
C LEU A 97 -6.74 -11.31 -1.01
N GLN A 98 -7.30 -12.04 -0.04
CA GLN A 98 -6.59 -12.35 1.19
C GLN A 98 -5.31 -13.12 0.90
N GLY A 99 -5.35 -14.01 -0.08
CA GLY A 99 -4.17 -14.75 -0.50
C GLY A 99 -3.05 -13.85 -0.99
N VAL A 100 -3.38 -12.85 -1.81
CA VAL A 100 -2.40 -11.90 -2.32
C VAL A 100 -1.83 -11.06 -1.17
N CYS A 101 -2.71 -10.54 -0.31
CA CYS A 101 -2.26 -9.78 0.84
C CYS A 101 -1.30 -10.60 1.70
N ASP A 102 -1.66 -11.85 1.98
CA ASP A 102 -0.83 -12.74 2.77
C ASP A 102 0.53 -12.99 2.12
N THR A 103 0.53 -13.10 0.78
CA THR A 103 1.78 -13.28 0.04
C THR A 103 2.69 -12.07 0.22
N VAL A 104 2.15 -10.87 0.02
CA VAL A 104 2.92 -9.64 0.19
C VAL A 104 3.46 -9.54 1.61
N LEU A 105 2.57 -9.73 2.60
CA LEU A 105 2.96 -9.65 4.00
C LEU A 105 4.03 -10.69 4.31
N GLY A 106 3.92 -11.87 3.68
CA GLY A 106 4.92 -12.91 3.79
C GLY A 106 6.30 -12.49 3.30
N LEU A 107 6.34 -11.82 2.14
CA LEU A 107 7.59 -11.31 1.60
C LEU A 107 8.20 -10.25 2.53
N LEU A 108 7.36 -9.38 3.07
CA LEU A 108 7.83 -8.34 3.98
C LEU A 108 8.42 -8.95 5.25
N ASP A 109 7.79 -10.04 5.73
CA ASP A 109 8.23 -10.70 6.94
C ASP A 109 9.39 -11.68 6.70
N SER A 110 9.57 -12.11 5.45
CA SER A 110 10.58 -13.09 5.09
C SER A 110 11.30 -12.72 3.80
N HIS A 111 12.25 -11.77 3.85
CA HIS A 111 12.77 -11.16 5.06
C HIS A 111 13.09 -9.69 4.81
N LEU A 112 12.24 -9.00 4.04
CA LEU A 112 12.54 -7.65 3.59
C LEU A 112 12.68 -6.65 4.73
N ILE A 113 11.74 -6.66 5.67
CA ILE A 113 11.75 -5.68 6.76
C ILE A 113 12.97 -5.85 7.65
N LYS A 114 13.26 -7.09 8.07
CA LYS A 114 14.34 -7.29 9.02
C LYS A 114 15.72 -6.96 8.45
N GLU A 115 15.86 -7.03 7.11
CA GLU A 115 17.13 -6.68 6.48
C GLU A 115 17.19 -5.21 6.04
N ALA A 116 16.09 -4.47 6.24
CA ALA A 116 16.01 -3.06 5.87
C ALA A 116 16.50 -2.17 7.01
N GLY A 117 17.72 -1.65 6.85
CA GLY A 117 18.37 -0.80 7.85
C GLY A 117 18.21 0.69 7.60
N ASP A 118 18.26 1.10 6.32
CA ASP A 118 18.12 2.51 5.97
C ASP A 118 16.68 2.94 6.15
N ALA A 119 16.48 4.19 6.59
CA ALA A 119 15.16 4.71 6.85
C ALA A 119 14.25 4.59 5.64
N GLU A 120 14.80 4.92 4.46
CA GLU A 120 14.04 4.92 3.22
C GLU A 120 13.44 3.56 2.91
N SER A 121 14.25 2.50 3.05
CA SER A 121 13.79 1.15 2.78
C SER A 121 12.83 0.68 3.86
N ARG A 122 13.18 0.92 5.13
CA ARG A 122 12.38 0.41 6.23
C ARG A 122 11.00 1.06 6.27
N VAL A 123 10.94 2.38 6.07
CA VAL A 123 9.68 3.10 6.02
C VAL A 123 8.83 2.59 4.85
N PHE A 124 9.47 2.39 3.69
CA PHE A 124 8.77 1.89 2.52
C PHE A 124 8.08 0.56 2.82
N TYR A 125 8.81 -0.38 3.41
CA TYR A 125 8.25 -1.69 3.68
C TYR A 125 7.19 -1.68 4.78
N LEU A 126 7.39 -0.86 5.82
CA LEU A 126 6.40 -0.74 6.88
C LEU A 126 5.11 -0.08 6.38
N LYS A 127 5.25 0.91 5.49
CA LYS A 127 4.09 1.48 4.82
C LYS A 127 3.33 0.41 4.05
N MET A 128 4.05 -0.43 3.29
CA MET A 128 3.44 -1.54 2.57
C MET A 128 2.70 -2.48 3.53
N LYS A 129 3.34 -2.82 4.64
CA LYS A 129 2.75 -3.69 5.64
C LYS A 129 1.43 -3.11 6.15
N GLY A 130 1.43 -1.81 6.48
CA GLY A 130 0.22 -1.12 6.87
C GLY A 130 -0.88 -1.22 5.81
N ASP A 131 -0.51 -0.96 4.56
CA ASP A 131 -1.45 -0.97 3.46
C ASP A 131 -2.10 -2.35 3.28
N TYR A 132 -1.31 -3.42 3.34
CA TYR A 132 -1.86 -4.74 3.07
C TYR A 132 -2.66 -5.29 4.25
N TYR A 133 -2.28 -4.94 5.48
CA TYR A 133 -3.18 -5.18 6.60
C TYR A 133 -4.47 -4.36 6.47
N ARG A 134 -4.36 -3.13 5.94
CA ARG A 134 -5.54 -2.31 5.73
C ARG A 134 -6.48 -2.97 4.73
N TYR A 135 -5.93 -3.53 3.65
CA TYR A 135 -6.77 -4.22 2.68
C TYR A 135 -7.43 -5.45 3.30
N LEU A 136 -6.70 -6.18 4.14
CA LEU A 136 -7.28 -7.29 4.88
C LEU A 136 -8.40 -6.79 5.79
N ALA A 137 -8.19 -5.63 6.42
CA ALA A 137 -9.19 -5.07 7.32
C ALA A 137 -10.49 -4.72 6.59
N GLU A 138 -10.40 -4.27 5.34
CA GLU A 138 -11.55 -3.87 4.56
C GLU A 138 -12.56 -5.00 4.40
N VAL A 139 -12.09 -6.25 4.38
CA VAL A 139 -12.95 -7.40 4.17
C VAL A 139 -13.13 -8.27 5.42
N ALA A 140 -12.48 -7.89 6.53
CA ALA A 140 -12.49 -8.69 7.74
C ALA A 140 -13.80 -8.51 8.51
N THR A 141 -14.23 -9.59 9.16
CA THR A 141 -15.41 -9.59 10.01
C THR A 141 -15.30 -10.43 11.29
N GLY A 142 -14.44 -11.47 11.25
CA GLY A 142 -14.38 -12.47 12.31
C GLY A 142 -13.67 -12.04 13.59
N ASP A 143 -13.17 -13.04 14.34
CA ASP A 143 -12.57 -12.82 15.65
C ASP A 143 -11.27 -12.03 15.63
N ASP A 144 -10.57 -12.06 14.48
CA ASP A 144 -9.28 -11.40 14.35
C ASP A 144 -9.34 -10.03 13.67
N LYS A 145 -10.55 -9.52 13.44
CA LYS A 145 -10.74 -8.23 12.78
C LYS A 145 -10.04 -7.08 13.50
N LYS A 146 -10.20 -7.03 14.82
CA LYS A 146 -9.54 -6.00 15.61
C LYS A 146 -8.02 -6.15 15.57
N ARG A 147 -7.54 -7.40 15.54
CA ARG A 147 -6.11 -7.65 15.48
C ARG A 147 -5.54 -7.24 14.13
N ILE A 148 -6.31 -7.45 13.05
CA ILE A 148 -5.89 -7.02 11.73
C ILE A 148 -5.73 -5.50 11.69
N ILE A 149 -6.74 -4.79 12.21
CA ILE A 149 -6.71 -3.34 12.30
C ILE A 149 -5.51 -2.86 13.10
N ASP A 150 -5.25 -3.51 14.25
CA ASP A 150 -4.15 -3.10 15.09
C ASP A 150 -2.81 -3.39 14.43
N SER A 151 -2.75 -4.46 13.63
CA SER A 151 -1.55 -4.78 12.87
C SER A 151 -1.26 -3.71 11.82
N ALA A 152 -2.31 -3.23 11.13
CA ALA A 152 -2.14 -2.11 10.21
C ALA A 152 -1.63 -0.88 10.96
N ARG A 153 -2.34 -0.53 12.05
CA ARG A 153 -1.99 0.63 12.86
C ARG A 153 -0.54 0.59 13.31
N SER A 154 -0.12 -0.57 13.84
CA SER A 154 1.22 -0.75 14.38
C SER A 154 2.30 -0.54 13.32
N ALA A 155 2.06 -1.06 12.12
CA ALA A 155 3.00 -0.93 11.02
C ALA A 155 3.12 0.53 10.59
N TYR A 156 1.97 1.16 10.37
CA TYR A 156 1.93 2.57 10.00
C TYR A 156 2.63 3.44 11.04
N GLN A 157 2.39 3.14 12.33
CA GLN A 157 2.94 3.95 13.40
C GLN A 157 4.46 3.88 13.46
N GLU A 158 5.01 2.66 13.34
CA GLU A 158 6.46 2.49 13.31
C GLU A 158 7.04 3.25 12.13
N ALA A 159 6.38 3.14 10.97
CA ALA A 159 6.81 3.85 9.77
C ALA A 159 6.81 5.36 10.02
N MET A 160 5.77 5.86 10.67
CA MET A 160 5.62 7.28 10.94
C MET A 160 6.74 7.75 11.87
N ASP A 161 6.98 6.98 12.93
CA ASP A 161 8.00 7.33 13.90
C ASP A 161 9.38 7.44 13.25
N ILE A 162 9.73 6.48 12.38
CA ILE A 162 11.00 6.52 11.68
C ILE A 162 11.06 7.70 10.72
N SER A 163 9.99 7.92 9.96
CA SER A 163 9.97 8.95 8.93
C SER A 163 10.14 10.34 9.55
N LYS A 164 9.50 10.56 10.70
CA LYS A 164 9.60 11.83 11.40
C LYS A 164 11.03 12.11 11.88
N LYS A 165 11.73 11.05 12.32
CA LYS A 165 13.10 11.18 12.79
C LYS A 165 14.12 11.32 11.66
N GLU A 166 13.92 10.59 10.57
CA GLU A 166 14.97 10.36 9.58
C GLU A 166 14.78 10.98 8.20
N MET A 167 13.59 11.51 7.92
CA MET A 167 13.26 12.01 6.61
C MET A 167 12.75 13.44 6.68
N PRO A 168 13.03 14.28 5.67
CA PRO A 168 12.44 15.62 5.60
C PRO A 168 10.93 15.52 5.40
N PRO A 169 10.15 16.54 5.82
CA PRO A 169 8.69 16.48 5.71
C PRO A 169 8.15 16.46 4.28
N THR A 170 9.02 16.78 3.30
CA THR A 170 8.64 16.71 1.90
C THR A 170 8.98 15.40 1.21
N ASN A 171 9.65 14.48 1.92
CA ASN A 171 10.01 13.20 1.33
C ASN A 171 8.76 12.50 0.79
N PRO A 172 8.73 12.10 -0.50
CA PRO A 172 7.55 11.46 -1.07
C PRO A 172 7.05 10.24 -0.32
N ILE A 173 7.97 9.41 0.18
CA ILE A 173 7.59 8.23 0.93
C ILE A 173 6.90 8.64 2.23
N ARG A 174 7.50 9.60 2.94
CA ARG A 174 6.89 10.14 4.15
C ARG A 174 5.50 10.71 3.87
N LEU A 175 5.38 11.47 2.78
CA LEU A 175 4.10 12.05 2.38
C LEU A 175 3.05 10.99 2.04
N GLY A 176 3.44 9.99 1.25
CA GLY A 176 2.54 8.91 0.87
C GLY A 176 2.11 8.06 2.05
N LEU A 177 3.05 7.80 2.96
CA LEU A 177 2.74 7.11 4.20
C LEU A 177 1.69 7.87 5.00
N ALA A 178 1.87 9.18 5.13
CA ALA A 178 0.93 10.00 5.88
C ALA A 178 -0.46 10.00 5.22
N LEU A 179 -0.49 10.11 3.89
CA LEU A 179 -1.73 10.04 3.14
C LEU A 179 -2.47 8.74 3.45
N ASN A 180 -1.78 7.60 3.33
CA ASN A 180 -2.42 6.31 3.52
C ASN A 180 -2.79 6.03 4.97
N PHE A 181 -1.95 6.49 5.92
CA PHE A 181 -2.29 6.35 7.32
C PHE A 181 -3.54 7.19 7.63
N SER A 182 -3.65 8.36 7.01
CA SER A 182 -4.83 9.20 7.23
C SER A 182 -6.08 8.52 6.67
N VAL A 183 -5.94 7.86 5.51
CA VAL A 183 -7.03 7.07 4.96
C VAL A 183 -7.41 5.93 5.91
N PHE A 184 -6.40 5.27 6.47
CA PHE A 184 -6.63 4.24 7.48
C PHE A 184 -7.50 4.81 8.61
N HIS A 185 -7.11 5.97 9.15
CA HIS A 185 -7.87 6.56 10.24
C HIS A 185 -9.32 6.83 9.84
N TYR A 186 -9.51 7.37 8.63
CA TYR A 186 -10.83 7.77 8.18
C TYR A 186 -11.73 6.57 7.86
N GLU A 187 -11.18 5.60 7.12
CA GLU A 187 -11.98 4.54 6.53
C GLU A 187 -12.06 3.27 7.37
N ILE A 188 -11.02 3.00 8.17
CA ILE A 188 -10.90 1.75 8.91
C ILE A 188 -11.10 1.93 10.41
N ALA A 189 -10.40 2.92 10.99
CA ALA A 189 -10.37 3.10 12.43
C ALA A 189 -11.50 3.98 12.97
N ASN A 190 -12.37 4.48 12.10
CA ASN A 190 -13.47 5.34 12.51
C ASN A 190 -12.94 6.53 13.32
N SER A 191 -11.84 7.12 12.83
CA SER A 191 -11.21 8.25 13.49
C SER A 191 -11.04 9.40 12.51
N PRO A 192 -12.14 9.99 11.98
CA PRO A 192 -12.03 11.05 10.98
C PRO A 192 -11.27 12.29 11.44
N GLU A 193 -11.37 12.63 12.73
CA GLU A 193 -10.67 13.79 13.24
C GLU A 193 -9.15 13.57 13.23
N GLU A 194 -8.73 12.35 13.56
CA GLU A 194 -7.32 11.99 13.47
C GLU A 194 -6.83 12.03 12.02
N ALA A 195 -7.66 11.52 11.10
CA ALA A 195 -7.35 11.56 9.68
C ALA A 195 -7.12 12.98 9.19
N ILE A 196 -8.06 13.88 9.53
CA ILE A 196 -7.99 15.27 9.12
C ILE A 196 -6.77 15.96 9.74
N SER A 197 -6.55 15.75 11.03
CA SER A 197 -5.41 16.33 11.72
C SER A 197 -4.09 15.91 11.06
N LEU A 198 -3.94 14.61 10.79
CA LEU A 198 -2.73 14.10 10.19
C LEU A 198 -2.51 14.69 8.80
N ALA A 199 -3.57 14.72 7.98
CA ALA A 199 -3.45 15.25 6.63
C ALA A 199 -3.05 16.73 6.66
N LYS A 200 -3.67 17.49 7.56
CA LYS A 200 -3.41 18.92 7.69
C LYS A 200 -1.97 19.20 8.14
N THR A 201 -1.54 18.55 9.22
CA THR A 201 -0.20 18.77 9.73
C THR A 201 0.85 18.32 8.72
N THR A 202 0.60 17.19 8.06
CA THR A 202 1.52 16.72 7.02
C THR A 202 1.66 17.76 5.91
N PHE A 203 0.52 18.28 5.44
CA PHE A 203 0.50 19.25 4.36
C PHE A 203 1.28 20.51 4.75
N ASP A 204 0.98 21.03 5.94
CA ASP A 204 1.56 22.29 6.38
C ASP A 204 3.07 22.18 6.59
N GLU A 205 3.53 21.05 7.14
CA GLU A 205 4.95 20.84 7.40
C GLU A 205 5.71 20.65 6.09
N ALA A 206 5.06 20.03 5.09
CA ALA A 206 5.65 19.90 3.77
C ALA A 206 5.75 21.25 3.08
N MET A 207 4.67 22.05 3.15
CA MET A 207 4.63 23.36 2.53
C MET A 207 5.83 24.20 2.99
N ALA A 208 6.12 24.15 4.29
CA ALA A 208 7.18 24.95 4.88
C ALA A 208 8.59 24.51 4.48
N ASP A 209 8.72 23.30 3.91
CA ASP A 209 10.01 22.76 3.51
C ASP A 209 10.23 22.75 2.00
N LEU A 210 9.21 23.15 1.23
CA LEU A 210 9.32 23.16 -0.22
C LEU A 210 10.46 24.04 -0.74
N HIS A 211 10.79 25.10 0.00
CA HIS A 211 11.81 26.04 -0.43
C HIS A 211 13.20 25.41 -0.56
N THR A 212 13.41 24.25 0.09
CA THR A 212 14.68 23.57 0.05
C THR A 212 14.87 22.69 -1.18
N LEU A 213 13.79 22.49 -1.94
CA LEU A 213 13.76 21.46 -2.98
C LEU A 213 14.16 21.99 -4.35
N SER A 214 14.76 21.09 -5.15
CA SER A 214 14.90 21.28 -6.58
C SER A 214 13.55 21.22 -7.28
N GLU A 215 13.53 21.62 -8.56
CA GLU A 215 12.33 21.61 -9.37
C GLU A 215 11.71 20.20 -9.46
N ASP A 216 12.55 19.19 -9.69
CA ASP A 216 12.09 17.81 -9.80
C ASP A 216 11.47 17.30 -8.50
N SER A 217 12.16 17.55 -7.38
CA SER A 217 11.68 17.15 -6.07
C SER A 217 10.41 17.91 -5.68
N TYR A 218 10.40 19.21 -6.01
CA TYR A 218 9.23 20.05 -5.82
C TYR A 218 7.99 19.44 -6.51
N LYS A 219 8.17 18.96 -7.74
CA LYS A 219 7.07 18.37 -8.50
C LYS A 219 6.48 17.17 -7.77
N ASP A 220 7.36 16.26 -7.33
CA ASP A 220 6.92 15.05 -6.66
C ASP A 220 6.21 15.35 -5.33
N SER A 221 6.81 16.21 -4.52
CA SER A 221 6.25 16.54 -3.22
C SER A 221 4.90 17.25 -3.35
N THR A 222 4.81 18.22 -4.27
CA THR A 222 3.58 18.99 -4.42
C THR A 222 2.44 18.13 -4.98
N LEU A 223 2.78 17.12 -5.79
CA LEU A 223 1.77 16.19 -6.30
C LEU A 223 1.07 15.50 -5.14
N ILE A 224 1.85 14.98 -4.19
CA ILE A 224 1.27 14.22 -3.09
C ILE A 224 0.56 15.17 -2.13
N MET A 225 1.10 16.39 -1.96
CA MET A 225 0.45 17.41 -1.15
C MET A 225 -0.95 17.71 -1.68
N GLN A 226 -1.09 17.76 -3.01
CA GLN A 226 -2.38 18.01 -3.62
C GLN A 226 -3.37 16.88 -3.32
N LEU A 227 -2.87 15.64 -3.27
CA LEU A 227 -3.71 14.51 -2.90
C LEU A 227 -4.17 14.59 -1.45
N LEU A 228 -3.29 15.04 -0.54
CA LEU A 228 -3.69 15.32 0.82
C LEU A 228 -4.79 16.37 0.87
N GLN A 229 -4.58 17.48 0.14
CA GLN A 229 -5.57 18.56 0.08
C GLN A 229 -6.90 18.06 -0.48
N ASP A 230 -6.84 17.24 -1.52
CA ASP A 230 -8.03 16.65 -2.11
C ASP A 230 -8.86 15.91 -1.06
N ASN A 231 -8.18 15.12 -0.21
CA ASN A 231 -8.86 14.36 0.82
C ASN A 231 -9.44 15.28 1.89
N LEU A 232 -8.67 16.28 2.32
CA LEU A 232 -9.16 17.26 3.27
C LEU A 232 -10.42 17.96 2.75
N THR A 233 -10.43 18.29 1.46
CA THR A 233 -11.59 18.92 0.83
C THR A 233 -12.81 18.00 0.88
N LEU A 234 -12.59 16.70 0.60
CA LEU A 234 -13.66 15.71 0.64
C LEU A 234 -14.18 15.51 2.06
N TRP A 235 -13.28 15.61 3.05
CA TRP A 235 -13.60 15.29 4.43
C TRP A 235 -14.15 16.46 5.23
N THR A 236 -14.09 17.66 4.66
CA THR A 236 -14.52 18.88 5.34
C THR A 236 -15.48 19.69 4.47
N ARG B 2 -15.67 5.79 -0.79
CA ARG B 2 -14.40 5.72 -0.05
C ARG B 2 -13.51 6.91 -0.42
N THR B 3 -12.42 7.07 0.35
CA THR B 3 -11.45 8.12 0.09
C THR B 3 -10.28 7.60 -0.75
N PRO B 4 -9.78 8.37 -1.74
CA PRO B 4 -8.57 8.00 -2.48
C PRO B 4 -7.32 7.89 -1.61
N LEU B 6 -3.02 6.61 -1.93
CA LEU B 6 -1.98 6.96 -2.87
C LEU B 6 -2.13 6.15 -4.16
N PRO B 7 -2.13 6.81 -5.34
CA PRO B 7 -2.06 6.10 -6.62
C PRO B 7 -0.63 5.61 -6.88
N THR B 8 -0.43 4.92 -8.01
CA THR B 8 0.92 4.59 -8.45
C THR B 8 1.64 5.87 -8.90
N PRO B 9 2.98 5.96 -8.77
CA PRO B 9 3.72 7.15 -9.20
C PRO B 9 3.58 7.46 -10.69
#